data_7NWO
#
_entry.id   7NWO
#
_cell.length_a   172.610
_cell.length_b   172.610
_cell.length_c   172.610
_cell.angle_alpha   90.000
_cell.angle_beta   90.000
_cell.angle_gamma   90.000
#
_symmetry.space_group_name_H-M   'I 4 3 2'
#
loop_
_entity.id
_entity.type
_entity.pdbx_description
1 polymer Beta-xylanase
2 non-polymer beta-D-glucopyranose
3 non-polymer DI(HYDROXYETHYL)ETHER
4 non-polymer 1,2-ETHANEDIOL
5 non-polymer 'CALCIUM ION'
6 non-polymer 'CITRATE ANION'
7 water water
#
_entity_poly.entity_id   1
_entity_poly.type   'polypeptide(L)'
_entity_poly.pdbx_seq_one_letter_code
;MGSSHHHHHHSSENLYFQGHKRIYVSYGSPVIDGEVDDIWNNVEWNIPRIYSATTQTNAKFKLMWDDNALYVLAEVYDPV
LNSANSTPYQQDSVEIFLDENFDRAISYQSDDLHYRVNYNNFKTTDAGDILRFYTKTKLLPDGYRVEARIALSKKPINGT
IMGFEFQVNEADSSARRVATINMFDNTGNAWQNPSLFGEIKLKGRSDNAVVPINP
;
_entity_poly.pdbx_strand_id   AAA
#
# COMPACT_ATOMS: atom_id res chain seq x y z
N LYS A 21 -5.57 14.09 -5.07
CA LYS A 21 -6.60 14.22 -3.98
C LYS A 21 -5.99 13.73 -2.67
N ARG A 22 -6.78 13.84 -1.60
CA ARG A 22 -6.35 13.63 -0.23
C ARG A 22 -7.22 12.56 0.40
N ILE A 23 -6.59 11.49 0.93
CA ILE A 23 -7.31 10.50 1.71
C ILE A 23 -7.08 10.79 3.21
N TYR A 24 -8.16 10.63 3.99
CA TYR A 24 -8.10 10.87 5.42
C TYR A 24 -7.95 9.53 6.14
N VAL A 25 -6.98 9.47 7.06
CA VAL A 25 -6.63 8.23 7.75
C VAL A 25 -7.08 8.32 9.22
N SER A 26 -7.86 7.31 9.65
CA SER A 26 -8.32 7.22 11.03
C SER A 26 -7.23 6.58 11.88
N TYR A 27 -7.29 6.81 13.21
CA TYR A 27 -6.29 6.29 14.13
C TYR A 27 -6.71 4.89 14.58
N GLY A 28 -5.73 3.97 14.59
CA GLY A 28 -5.95 2.59 14.99
C GLY A 28 -4.72 1.71 14.81
N SER A 29 -4.67 0.61 15.58
CA SER A 29 -3.54 -0.33 15.64
C SER A 29 -4.01 -1.75 15.35
N PRO A 30 -4.19 -2.13 14.07
CA PRO A 30 -4.50 -3.52 13.71
C PRO A 30 -3.33 -4.51 13.81
N VAL A 31 -3.72 -5.79 13.95
CA VAL A 31 -2.82 -6.91 14.11
C VAL A 31 -2.51 -7.47 12.72
N ILE A 32 -1.23 -7.57 12.39
CA ILE A 32 -0.82 -8.06 11.08
C ILE A 32 -0.92 -9.59 11.07
N ASP A 33 -1.93 -10.12 10.36
CA ASP A 33 -2.15 -11.56 10.23
C ASP A 33 -2.53 -11.91 8.80
N GLY A 34 -2.98 -10.90 8.06
CA GLY A 34 -3.71 -11.13 6.82
C GLY A 34 -5.16 -11.55 7.10
N GLU A 35 -5.60 -11.33 8.34
CA GLU A 35 -7.00 -11.42 8.73
C GLU A 35 -7.54 -10.01 8.94
N VAL A 36 -8.85 -9.86 8.73
CA VAL A 36 -9.50 -8.56 8.79
C VAL A 36 -9.88 -8.26 10.25
N ASP A 37 -9.12 -7.34 10.86
CA ASP A 37 -9.40 -6.83 12.20
C ASP A 37 -10.81 -6.24 12.19
N ASP A 38 -11.54 -6.44 13.29
CA ASP A 38 -12.84 -5.85 13.49
C ASP A 38 -12.79 -4.35 13.17
N ILE A 39 -11.65 -3.73 13.50
CA ILE A 39 -11.49 -2.28 13.44
C ILE A 39 -11.26 -1.81 12.00
N TRP A 40 -11.09 -2.75 11.07
CA TRP A 40 -10.94 -2.42 9.66
C TRP A 40 -12.30 -2.13 9.03
N ASN A 41 -13.35 -2.78 9.55
CA ASN A 41 -14.68 -2.65 8.98
C ASN A 41 -15.35 -1.36 9.44
N ASN A 42 -14.60 -0.53 10.18
CA ASN A 42 -15.11 0.72 10.69
C ASN A 42 -14.60 1.89 9.85
N VAL A 43 -13.65 1.59 8.95
CA VAL A 43 -13.15 2.57 8.01
C VAL A 43 -13.46 2.08 6.60
N GLU A 44 -13.15 2.92 5.61
CA GLU A 44 -13.72 2.78 4.28
C GLU A 44 -12.70 2.19 3.32
N TRP A 45 -13.22 1.52 2.28
CA TRP A 45 -12.44 1.04 1.15
C TRP A 45 -12.07 2.21 0.23
N ASN A 46 -10.86 2.16 -0.32
CA ASN A 46 -10.43 3.10 -1.34
C ASN A 46 -10.32 2.35 -2.68
N ILE A 47 -10.88 2.92 -3.75
CA ILE A 47 -10.83 2.26 -5.04
C ILE A 47 -9.81 2.95 -5.95
N PRO A 48 -8.70 2.25 -6.32
CA PRO A 48 -7.77 2.76 -7.32
C PRO A 48 -8.41 2.59 -8.69
N ARG A 49 -8.42 3.67 -9.49
CA ARG A 49 -9.24 3.66 -10.69
C ARG A 49 -8.40 3.76 -11.97
N ILE A 50 -7.09 4.01 -11.83
CA ILE A 50 -6.20 4.18 -12.97
C ILE A 50 -5.68 2.82 -13.43
N TYR A 51 -6.19 2.37 -14.58
CA TYR A 51 -5.75 1.11 -15.20
C TYR A 51 -4.84 1.44 -16.36
N SER A 52 -3.80 0.62 -16.56
CA SER A 52 -2.92 0.73 -17.71
C SER A 52 -3.64 0.24 -18.95
N ALA A 53 -4.33 -0.90 -18.80
CA ALA A 53 -5.13 -1.54 -19.84
C ALA A 53 -6.35 -2.21 -19.18
N THR A 54 -7.25 -2.73 -20.01
CA THR A 54 -8.50 -3.34 -19.54
C THR A 54 -8.21 -4.73 -18.97
N THR A 55 -8.79 -5.04 -17.80
CA THR A 55 -8.54 -6.33 -17.16
C THR A 55 -9.59 -6.70 -16.12
N GLN A 56 -9.75 -8.01 -15.90
CA GLN A 56 -10.62 -8.62 -14.89
C GLN A 56 -10.23 -8.16 -13.48
N THR A 57 -8.91 -8.01 -13.23
CA THR A 57 -8.35 -7.73 -11.92
C THR A 57 -8.88 -6.39 -11.38
N ASN A 58 -9.50 -6.45 -10.19
CA ASN A 58 -9.85 -5.24 -9.46
C ASN A 58 -9.25 -5.30 -8.05
N ALA A 59 -9.27 -4.17 -7.34
CA ALA A 59 -8.72 -4.06 -5.99
C ALA A 59 -9.45 -2.99 -5.17
N LYS A 60 -9.14 -2.97 -3.86
CA LYS A 60 -9.68 -2.06 -2.87
C LYS A 60 -8.74 -2.10 -1.67
N PHE A 61 -8.56 -0.97 -0.97
CA PHE A 61 -7.67 -0.93 0.19
C PHE A 61 -8.19 0.02 1.27
N LYS A 62 -7.69 -0.18 2.51
CA LYS A 62 -8.05 0.62 3.67
C LYS A 62 -6.78 1.08 4.38
N LEU A 63 -6.85 2.20 5.11
CA LEU A 63 -5.69 2.75 5.80
C LEU A 63 -5.99 2.96 7.29
N MET A 64 -4.93 2.93 8.10
CA MET A 64 -4.99 3.24 9.51
C MET A 64 -3.61 3.70 9.95
N TRP A 65 -3.55 4.43 11.06
CA TRP A 65 -2.28 4.87 11.61
C TRP A 65 -2.31 4.75 13.12
N ASP A 66 -1.10 4.57 13.71
CA ASP A 66 -0.93 4.60 15.15
C ASP A 66 0.41 5.27 15.44
N ASP A 67 0.67 5.48 16.74
CA ASP A 67 1.76 6.32 17.19
C ASP A 67 3.09 5.91 16.57
N ASN A 68 3.13 4.70 16.00
CA ASN A 68 4.41 4.14 15.61
C ASN A 68 4.44 3.79 14.12
N ALA A 69 3.24 3.61 13.51
CA ALA A 69 3.20 2.94 12.22
C ALA A 69 2.06 3.44 11.34
N LEU A 70 2.20 3.15 10.04
CA LEU A 70 1.11 3.24 9.08
C LEU A 70 0.68 1.83 8.71
N TYR A 71 -0.64 1.62 8.59
CA TYR A 71 -1.21 0.31 8.34
C TYR A 71 -2.05 0.33 7.06
N VAL A 72 -1.95 -0.74 6.29
CA VAL A 72 -2.64 -0.87 5.02
C VAL A 72 -3.25 -2.25 4.93
N LEU A 73 -4.56 -2.32 4.67
CA LEU A 73 -5.17 -3.59 4.30
C LEU A 73 -5.61 -3.49 2.85
N ALA A 74 -5.16 -4.45 2.02
CA ALA A 74 -5.51 -4.49 0.61
C ALA A 74 -6.17 -5.83 0.25
N GLU A 75 -7.15 -5.78 -0.66
CA GLU A 75 -7.75 -7.01 -1.19
C GLU A 75 -7.80 -6.92 -2.71
N VAL A 76 -7.29 -7.95 -3.37
CA VAL A 76 -7.26 -7.94 -4.82
C VAL A 76 -8.12 -9.08 -5.35
N TYR A 77 -9.05 -8.75 -6.25
CA TYR A 77 -9.69 -9.77 -7.07
C TYR A 77 -8.76 -10.01 -8.25
N ASP A 78 -8.31 -11.26 -8.39
CA ASP A 78 -7.39 -11.63 -9.45
C ASP A 78 -7.46 -13.15 -9.63
N PRO A 79 -8.06 -13.66 -10.73
CA PRO A 79 -8.31 -15.10 -10.89
C PRO A 79 -7.10 -15.97 -11.24
N VAL A 80 -6.04 -15.39 -11.82
CA VAL A 80 -4.88 -16.16 -12.24
C VAL A 80 -3.62 -15.56 -11.61
N LEU A 81 -2.99 -16.33 -10.71
CA LEU A 81 -1.87 -15.82 -9.91
C LEU A 81 -0.55 -16.42 -10.41
N ASN A 82 0.46 -15.55 -10.54
CA ASN A 82 1.76 -15.92 -11.08
C ASN A 82 2.85 -15.04 -10.47
N SER A 83 3.97 -15.68 -10.13
CA SER A 83 5.20 -14.98 -9.75
C SER A 83 6.41 -15.78 -10.21
N ALA A 84 6.29 -16.41 -11.39
CA ALA A 84 7.37 -17.23 -11.94
C ALA A 84 8.47 -16.33 -12.47
N ASN A 85 8.09 -15.08 -12.82
CA ASN A 85 9.00 -14.07 -13.33
C ASN A 85 9.89 -13.59 -12.20
N SER A 86 11.21 -13.64 -12.44
CA SER A 86 12.19 -13.31 -11.41
C SER A 86 12.29 -11.80 -11.21
N THR A 87 11.67 -11.02 -12.11
CA THR A 87 11.51 -9.60 -11.87
C THR A 87 10.43 -9.40 -10.81
N PRO A 88 10.73 -8.68 -9.71
CA PRO A 88 9.78 -8.54 -8.59
C PRO A 88 8.47 -7.91 -9.05
N TYR A 89 8.57 -6.87 -9.90
CA TYR A 89 7.42 -6.10 -10.33
C TYR A 89 6.69 -6.79 -11.47
N GLN A 90 7.23 -7.95 -11.91
CA GLN A 90 6.60 -8.73 -12.97
C GLN A 90 5.86 -9.93 -12.37
N GLN A 91 5.59 -9.84 -11.06
CA GLN A 91 4.75 -10.81 -10.36
C GLN A 91 3.47 -10.13 -9.87
N ASP A 92 2.42 -10.93 -9.68
CA ASP A 92 1.24 -10.44 -8.98
C ASP A 92 1.68 -9.91 -7.63
N SER A 93 1.63 -8.58 -7.49
CA SER A 93 2.16 -7.93 -6.31
C SER A 93 1.39 -6.63 -6.08
N VAL A 94 1.73 -5.94 -4.99
CA VAL A 94 1.29 -4.58 -4.77
C VAL A 94 2.50 -3.76 -4.33
N GLU A 95 2.48 -2.46 -4.64
CA GLU A 95 3.56 -1.54 -4.27
C GLU A 95 3.00 -0.36 -3.49
N ILE A 96 3.72 0.03 -2.43
CA ILE A 96 3.34 1.22 -1.70
C ILE A 96 4.52 2.20 -1.69
N PHE A 97 4.20 3.49 -1.84
CA PHE A 97 5.18 4.55 -1.93
C PHE A 97 4.85 5.57 -0.84
N LEU A 98 5.88 6.06 -0.13
CA LEU A 98 5.62 7.00 0.95
C LEU A 98 6.63 8.14 0.94
N ASP A 99 6.08 9.36 1.03
CA ASP A 99 6.82 10.60 1.26
C ASP A 99 6.50 11.09 2.67
N GLU A 100 7.39 10.72 3.60
CA GLU A 100 7.15 10.81 5.03
C GLU A 100 7.21 12.28 5.46
N ASN A 101 8.26 12.99 5.02
CA ASN A 101 8.42 14.38 5.37
C ASN A 101 7.47 15.25 4.55
N PHE A 102 6.89 14.66 3.49
CA PHE A 102 6.01 15.35 2.56
C PHE A 102 6.81 16.41 1.81
N ASP A 103 7.95 16.00 1.24
CA ASP A 103 8.86 16.88 0.52
C ASP A 103 8.31 17.19 -0.88
N ARG A 104 7.41 16.33 -1.37
CA ARG A 104 6.93 16.40 -2.75
C ARG A 104 8.11 16.66 -3.68
N ALA A 105 9.22 15.95 -3.42
CA ALA A 105 10.44 16.12 -4.20
C ALA A 105 10.18 15.64 -5.63
N ILE A 106 11.17 15.87 -6.52
CA ILE A 106 11.10 15.48 -7.92
C ILE A 106 11.72 14.09 -8.10
N SER A 107 12.77 13.81 -7.32
CA SER A 107 13.38 12.48 -7.24
C SER A 107 13.33 12.01 -5.79
N TYR A 108 13.70 10.75 -5.56
CA TYR A 108 13.57 10.12 -4.26
C TYR A 108 14.51 10.78 -3.25
N GLN A 109 13.94 11.18 -2.11
CA GLN A 109 14.66 11.82 -1.02
C GLN A 109 15.08 10.77 -0.01
N SER A 110 15.82 11.22 1.02
CA SER A 110 16.40 10.33 2.01
C SER A 110 15.33 9.68 2.88
N ASP A 111 14.11 10.22 2.86
CA ASP A 111 13.03 9.70 3.67
C ASP A 111 11.96 9.04 2.80
N ASP A 112 12.26 8.88 1.51
CA ASP A 112 11.28 8.38 0.56
C ASP A 112 11.30 6.86 0.56
N LEU A 113 10.11 6.25 0.53
CA LEU A 113 9.97 4.82 0.67
C LEU A 113 9.19 4.25 -0.51
N HIS A 114 9.63 3.07 -0.99
CA HIS A 114 8.97 2.33 -2.06
C HIS A 114 9.24 0.83 -1.93
N TYR A 115 8.21 0.11 -1.50
CA TYR A 115 8.28 -1.31 -1.19
C TYR A 115 7.26 -2.08 -2.04
N ARG A 116 7.41 -3.41 -2.09
CA ARG A 116 6.53 -4.29 -2.83
C ARG A 116 6.47 -5.66 -2.17
N VAL A 117 5.28 -6.28 -2.19
CA VAL A 117 5.08 -7.62 -1.66
C VAL A 117 4.13 -8.38 -2.59
N ASN A 118 4.58 -9.57 -3.03
CA ASN A 118 3.75 -10.40 -3.88
C ASN A 118 2.73 -11.13 -3.01
N TYR A 119 1.87 -11.91 -3.68
CA TYR A 119 0.80 -12.64 -3.02
C TYR A 119 1.36 -13.66 -2.02
N ASN A 120 2.57 -14.16 -2.29
CA ASN A 120 3.24 -15.18 -1.48
C ASN A 120 3.83 -14.56 -0.21
N ASN A 121 3.91 -13.22 -0.16
CA ASN A 121 4.40 -12.44 0.98
C ASN A 121 5.90 -12.16 0.83
N PHE A 122 6.42 -12.37 -0.38
CA PHE A 122 7.79 -12.04 -0.70
C PHE A 122 7.94 -10.53 -0.88
N LYS A 123 8.78 -9.93 -0.04
CA LYS A 123 8.97 -8.49 0.03
C LYS A 123 10.22 -8.08 -0.75
N THR A 124 10.12 -6.96 -1.49
CA THR A 124 11.24 -6.32 -2.17
C THR A 124 11.15 -4.80 -1.97
N THR A 125 12.29 -4.11 -2.02
CA THR A 125 12.33 -2.67 -1.81
C THR A 125 13.05 -1.94 -2.94
N ASP A 126 12.41 -0.90 -3.47
CA ASP A 126 13.03 -0.05 -4.48
C ASP A 126 13.63 1.18 -3.81
N ALA A 127 12.97 1.63 -2.74
CA ALA A 127 13.39 2.84 -2.04
C ALA A 127 13.13 2.68 -0.55
N GLY A 128 14.17 2.96 0.26
CA GLY A 128 14.04 2.93 1.71
C GLY A 128 14.37 1.57 2.31
N ASP A 129 14.43 1.54 3.65
CA ASP A 129 14.94 0.41 4.40
C ASP A 129 13.83 -0.62 4.62
N ILE A 130 14.07 -1.85 4.15
CA ILE A 130 13.05 -2.90 4.14
C ILE A 130 12.79 -3.43 5.55
N LEU A 131 13.66 -3.08 6.50
CA LEU A 131 13.49 -3.53 7.87
C LEU A 131 12.26 -2.87 8.47
N ARG A 132 11.74 -1.84 7.79
CA ARG A 132 10.60 -1.08 8.28
C ARG A 132 9.29 -1.75 7.85
N PHE A 133 9.39 -2.78 7.00
CA PHE A 133 8.27 -3.23 6.19
C PHE A 133 7.82 -4.63 6.63
N TYR A 134 6.67 -4.72 7.30
CA TYR A 134 6.23 -5.98 7.88
C TYR A 134 4.90 -6.40 7.26
N THR A 135 4.86 -7.61 6.69
CA THR A 135 3.75 -8.01 5.84
C THR A 135 3.33 -9.46 6.08
N LYS A 136 2.02 -9.70 5.96
CA LYS A 136 1.41 -11.02 5.86
C LYS A 136 0.41 -11.01 4.70
N THR A 137 0.23 -12.15 4.03
CA THR A 137 -0.70 -12.25 2.91
C THR A 137 -1.48 -13.55 2.99
N LYS A 138 -2.77 -13.49 2.62
CA LYS A 138 -3.65 -14.65 2.59
C LYS A 138 -4.16 -14.88 1.17
N LEU A 139 -4.17 -16.15 0.72
CA LEU A 139 -4.87 -16.48 -0.52
C LEU A 139 -6.37 -16.41 -0.25
N LEU A 140 -7.12 -15.88 -1.23
CA LEU A 140 -8.57 -15.97 -1.22
C LEU A 140 -8.99 -16.62 -2.54
N PRO A 141 -10.21 -17.18 -2.65
CA PRO A 141 -10.70 -17.68 -3.94
C PRO A 141 -10.83 -16.53 -4.95
N ASP A 142 -10.03 -16.62 -6.03
CA ASP A 142 -9.92 -15.63 -7.09
C ASP A 142 -9.26 -14.35 -6.57
N GLY A 143 -8.26 -14.49 -5.69
CA GLY A 143 -7.49 -13.34 -5.26
C GLY A 143 -6.67 -13.58 -4.00
N TYR A 144 -6.22 -12.48 -3.39
CA TYR A 144 -5.36 -12.53 -2.21
C TYR A 144 -5.57 -11.28 -1.35
N ARG A 145 -5.06 -11.34 -0.13
CA ARG A 145 -5.12 -10.21 0.80
C ARG A 145 -3.70 -9.85 1.26
N VAL A 146 -3.46 -8.54 1.36
CA VAL A 146 -2.20 -8.03 1.88
C VAL A 146 -2.50 -7.11 3.06
N GLU A 147 -1.81 -7.38 4.18
CA GLU A 147 -1.86 -6.58 5.39
C GLU A 147 -0.43 -6.17 5.70
N ALA A 148 -0.17 -4.86 5.64
CA ALA A 148 1.20 -4.42 5.88
C ALA A 148 1.26 -3.33 6.94
N ARG A 149 2.41 -3.30 7.62
CA ARG A 149 2.77 -2.28 8.59
C ARG A 149 4.05 -1.62 8.10
N ILE A 150 4.08 -0.29 8.24
CA ILE A 150 5.28 0.48 7.96
C ILE A 150 5.65 1.25 9.21
N ALA A 151 6.82 0.92 9.77
CA ALA A 151 7.39 1.65 10.89
C ALA A 151 7.61 3.10 10.49
N LEU A 152 7.05 4.03 11.29
CA LEU A 152 7.25 5.46 11.12
C LEU A 152 8.46 5.90 11.94
N SER A 153 9.23 6.84 11.38
CA SER A 153 10.37 7.44 12.04
C SER A 153 9.99 8.81 12.60
N LYS A 154 9.11 9.52 11.89
CA LYS A 154 8.57 10.78 12.36
C LYS A 154 7.40 10.48 13.29
N LYS A 155 7.22 11.33 14.31
CA LYS A 155 6.19 11.15 15.33
C LYS A 155 4.85 11.59 14.78
N PRO A 156 3.95 10.66 14.39
CA PRO A 156 2.66 11.01 13.77
C PRO A 156 1.66 11.57 14.77
N ILE A 157 1.07 12.73 14.39
CA ILE A 157 0.11 13.43 15.23
C ILE A 157 -1.03 13.91 14.33
N ASN A 158 -2.20 14.18 14.92
CA ASN A 158 -3.35 14.57 14.14
C ASN A 158 -3.00 15.74 13.23
N GLY A 159 -3.41 15.64 11.97
CA GLY A 159 -3.18 16.69 10.99
C GLY A 159 -1.95 16.46 10.12
N THR A 160 -1.11 15.47 10.50
CA THR A 160 0.08 15.13 9.75
C THR A 160 -0.31 14.75 8.32
N ILE A 161 0.43 15.30 7.34
CA ILE A 161 0.21 14.96 5.95
C ILE A 161 1.50 14.37 5.39
N MET A 162 1.33 13.33 4.56
CA MET A 162 2.43 12.65 3.90
C MET A 162 2.05 12.36 2.45
N GLY A 163 3.08 12.06 1.64
CA GLY A 163 2.86 11.54 0.29
C GLY A 163 2.61 10.04 0.33
N PHE A 164 1.67 9.58 -0.49
CA PHE A 164 1.33 8.16 -0.55
C PHE A 164 0.76 7.80 -1.91
N GLU A 165 1.21 6.66 -2.46
CA GLU A 165 0.66 6.08 -3.67
C GLU A 165 0.68 4.55 -3.57
N PHE A 166 -0.33 3.93 -4.18
CA PHE A 166 -0.59 2.49 -4.13
C PHE A 166 -0.74 1.96 -5.56
N GLN A 167 -0.25 0.74 -5.81
CA GLN A 167 -0.27 0.16 -7.15
C GLN A 167 -0.40 -1.37 -7.07
N VAL A 168 -1.08 -1.95 -8.07
CA VAL A 168 -1.28 -3.37 -8.16
C VAL A 168 -0.72 -3.83 -9.50
N ASN A 169 0.37 -4.62 -9.44
CA ASN A 169 0.97 -5.25 -10.61
C ASN A 169 0.20 -6.52 -10.93
N GLU A 170 -0.38 -6.57 -12.13
CA GLU A 170 -1.14 -7.74 -12.55
C GLU A 170 -0.36 -8.50 -13.62
N ALA A 171 0.00 -9.74 -13.31
CA ALA A 171 0.68 -10.59 -14.28
C ALA A 171 -0.31 -11.65 -14.78
N ASP A 172 0.09 -12.42 -15.80
CA ASP A 172 -0.73 -13.49 -16.34
C ASP A 172 0.01 -14.83 -16.25
N SER A 173 -0.50 -15.85 -16.96
CA SER A 173 0.05 -17.20 -16.89
C SER A 173 1.33 -17.32 -17.71
N SER A 174 1.71 -16.25 -18.41
CA SER A 174 2.92 -16.20 -19.20
C SER A 174 4.13 -15.80 -18.34
N ALA A 175 3.84 -15.40 -17.08
CA ALA A 175 4.82 -14.96 -16.10
C ALA A 175 5.40 -13.58 -16.47
N ARG A 176 4.49 -12.65 -16.78
CA ARG A 176 4.84 -11.30 -17.17
C ARG A 176 3.70 -10.36 -16.76
N ARG A 177 4.06 -9.15 -16.31
CA ARG A 177 3.09 -8.12 -15.93
C ARG A 177 2.42 -7.55 -17.19
N VAL A 178 1.08 -7.62 -17.21
CA VAL A 178 0.27 -7.25 -18.35
C VAL A 178 -0.46 -5.93 -18.09
N ALA A 179 -0.73 -5.64 -16.81
CA ALA A 179 -1.53 -4.49 -16.42
C ALA A 179 -1.09 -3.98 -15.06
N THR A 180 -1.38 -2.70 -14.81
CA THR A 180 -1.18 -2.06 -13.53
C THR A 180 -2.48 -1.38 -13.10
N ILE A 181 -2.67 -1.21 -11.78
CA ILE A 181 -3.79 -0.44 -11.26
C ILE A 181 -3.26 0.55 -10.22
N ASN A 182 -3.55 1.84 -10.42
CA ASN A 182 -2.96 2.89 -9.60
C ASN A 182 -4.03 3.74 -8.92
N MET A 183 -3.69 4.27 -7.74
CA MET A 183 -4.66 5.06 -6.99
C MET A 183 -4.51 6.53 -7.36
N PHE A 184 -3.26 6.98 -7.53
CA PHE A 184 -3.02 8.41 -7.72
C PHE A 184 -2.36 8.72 -9.06
N ASP A 185 -1.22 8.08 -9.36
CA ASP A 185 -0.42 8.45 -10.53
C ASP A 185 -0.80 7.59 -11.74
N ASN A 186 -1.17 8.26 -12.84
CA ASN A 186 -1.59 7.57 -14.05
C ASN A 186 -0.48 7.61 -15.09
N THR A 187 0.65 8.23 -14.73
CA THR A 187 1.69 8.51 -15.71
C THR A 187 2.70 7.35 -15.77
N GLY A 188 2.83 6.61 -14.66
CA GLY A 188 3.71 5.46 -14.57
C GLY A 188 5.11 5.81 -14.07
N ASN A 189 5.22 6.95 -13.36
CA ASN A 189 6.50 7.51 -12.95
C ASN A 189 6.61 7.55 -11.43
N ALA A 190 5.64 6.93 -10.76
CA ALA A 190 5.56 6.94 -9.30
C ALA A 190 6.86 6.40 -8.72
N TRP A 191 7.48 5.45 -9.44
CA TRP A 191 8.68 4.76 -9.03
C TRP A 191 9.92 5.63 -9.18
N GLN A 192 9.74 6.81 -9.79
CA GLN A 192 10.83 7.75 -10.04
C GLN A 192 10.58 9.05 -9.27
N ASN A 193 9.30 9.46 -9.24
CA ASN A 193 8.96 10.83 -8.94
C ASN A 193 8.03 10.89 -7.73
N PRO A 194 8.58 11.15 -6.52
CA PRO A 194 7.78 11.36 -5.32
C PRO A 194 6.61 12.33 -5.48
N SER A 195 6.83 13.42 -6.21
CA SER A 195 5.82 14.47 -6.32
C SER A 195 4.57 13.94 -7.02
N LEU A 196 4.65 12.73 -7.58
CA LEU A 196 3.51 12.15 -8.28
C LEU A 196 2.53 11.49 -7.31
N PHE A 197 2.94 11.30 -6.05
CA PHE A 197 2.09 10.65 -5.04
C PHE A 197 0.89 11.53 -4.72
N GLY A 198 -0.01 11.00 -3.89
CA GLY A 198 -1.16 11.75 -3.39
C GLY A 198 -0.99 12.15 -1.93
N GLU A 199 -2.13 12.44 -1.28
CA GLU A 199 -2.12 12.94 0.08
C GLU A 199 -2.79 11.96 1.03
N ILE A 200 -2.17 11.79 2.19
CA ILE A 200 -2.77 11.19 3.36
C ILE A 200 -2.62 12.18 4.51
N LYS A 201 -3.75 12.54 5.13
CA LYS A 201 -3.77 13.34 6.34
C LYS A 201 -4.32 12.49 7.48
N LEU A 202 -3.58 12.47 8.60
CA LEU A 202 -3.90 11.65 9.76
C LEU A 202 -4.85 12.41 10.68
N LYS A 203 -5.86 11.71 11.20
CA LYS A 203 -6.83 12.29 12.11
C LYS A 203 -7.40 11.19 13.01
N GLY A 204 -7.85 11.57 14.21
CA GLY A 204 -8.66 10.69 15.04
C GLY A 204 -7.94 10.13 16.27
N ARG A 205 -6.78 10.70 16.61
CA ARG A 205 -6.05 10.28 17.79
C ARG A 205 -6.54 11.09 18.99
N SER A 206 -6.68 10.41 20.14
CA SER A 206 -7.23 11.02 21.34
C SER A 206 -6.33 12.15 21.84
N ASP A 207 -6.88 12.93 22.80
CA ASP A 207 -6.11 13.88 23.58
C ASP A 207 -5.76 13.26 24.93
N ASN A 208 -6.60 12.31 25.37
CA ASN A 208 -6.51 11.71 26.69
C ASN A 208 -6.27 10.20 26.57
N ILE A 213 -9.88 -0.31 30.84
CA ILE A 213 -11.35 -0.55 30.82
C ILE A 213 -11.86 -0.47 32.26
N ASN A 214 -13.03 0.15 32.43
CA ASN A 214 -13.87 -0.12 33.58
C ASN A 214 -14.46 -1.51 33.35
N PRO A 215 -14.16 -2.50 34.21
CA PRO A 215 -14.55 -3.89 33.93
C PRO A 215 -16.06 -4.12 33.85
#